data_1PFU
#
_entry.id   1PFU
#
_cell.length_a   79.008
_cell.length_b   45.500
_cell.length_c   86.322
_cell.angle_alpha   90.00
_cell.angle_beta   107.34
_cell.angle_gamma   90.00
#
_symmetry.space_group_name_H-M   'P 1 21 1'
#
loop_
_entity.id
_entity.type
_entity.pdbx_description
1 polymer 'Methionyl-tRNA synthetase'
2 non-polymer 'ZINC ION'
3 non-polymer '(1-AMINO-3-METHYLSULFANYL-PROPYL)-PHOSPHINIC ACID'
4 water water
#
_entity_poly.entity_id   1
_entity_poly.type   'polypeptide(L)'
_entity_poly.pdbx_seq_one_letter_code
;TQVAKKILVTCALPYANGSIHLGHMLEHIQADVWVRYQRMRGHEVNFICADDAHGTPIMLKAQQLGITPEQMIGEMSQEH
QTDFAGFNISYDNYHSTHSEENRQLSELIYSRLKENGFIKNRTISQLYDPEKGMFLPDRFVKGTCPKCKSPDQYGDNCEV
CGATYSPTELIEPKSVVSGATPVMRDSEHFFFDLPSFSEMLQAWTRSGALQEQVANKMQEWFESGLQQWDISRDAPYFGF
EIPNAPGKYFYVWLDAPIGYMGSFKNLCDKRGDSVSFDEYWKKDSTAELYHFIGKDIVYFHSLFWPAMLEGSNFRKPSNL
FVHGYVTVNGAKMSKSRGTFIKASTWLNHFDADSLRYYYTAKLSSRIDDIDLNLEDFVQRVNADIVNKVVNLASRNAGFI
NKRFDGVLASELADPQLYKTFTDAAEVIGEAWESREFGKAVREIMALADLANRYVDEQAPWVVAKQEGRDADLQAICSMG
INLFRVLMTYLKPVLPKLTERAEAFLNTELTWDGIQQPLLGHKVNPFKALYNRIDMRQVEALVEASKEEVK
;
_entity_poly.pdbx_strand_id   A
#
# COMPACT_ATOMS: atom_id res chain seq x y z
N ALA A 4 2.73 -16.88 19.31
CA ALA A 4 2.46 -16.16 18.04
C ALA A 4 2.17 -14.69 18.30
N LYS A 5 2.70 -13.83 17.45
CA LYS A 5 2.48 -12.39 17.59
C LYS A 5 1.09 -12.03 17.10
N LYS A 6 0.53 -10.97 17.67
CA LYS A 6 -0.77 -10.43 17.24
C LYS A 6 -0.37 -9.14 16.55
N ILE A 7 -0.65 -9.05 15.25
CA ILE A 7 -0.26 -7.89 14.46
C ILE A 7 -1.41 -7.24 13.66
N LEU A 8 -1.51 -5.92 13.74
CA LEU A 8 -2.53 -5.19 12.97
C LEU A 8 -1.76 -4.27 12.02
N VAL A 9 -1.98 -4.48 10.73
CA VAL A 9 -1.31 -3.70 9.69
C VAL A 9 -2.32 -2.92 8.86
N THR A 10 -1.97 -1.68 8.50
CA THR A 10 -2.85 -0.87 7.65
C THR A 10 -2.08 -0.24 6.50
N CYS A 11 -2.85 0.26 5.53
CA CYS A 11 -2.32 1.02 4.40
C CYS A 11 -3.12 2.29 4.51
N ALA A 12 -2.62 3.39 3.94
CA ALA A 12 -3.35 4.65 3.99
C ALA A 12 -4.70 4.47 3.28
N LEU A 13 -5.72 5.18 3.77
CA LEU A 13 -7.06 5.07 3.21
C LEU A 13 -7.17 5.91 1.92
N PRO A 14 -7.45 5.26 0.78
CA PRO A 14 -7.58 5.98 -0.50
C PRO A 14 -8.76 6.94 -0.52
N TYR A 15 -8.56 8.14 -1.08
CA TYR A 15 -9.65 9.11 -1.15
C TYR A 15 -10.70 8.58 -2.13
N ALA A 16 -11.97 8.75 -1.77
CA ALA A 16 -13.07 8.25 -2.59
C ALA A 16 -13.38 9.03 -3.86
N ASN A 17 -12.63 10.08 -4.16
CA ASN A 17 -12.93 10.83 -5.38
C ASN A 17 -11.93 10.63 -6.51
N GLY A 18 -11.27 9.49 -6.52
CA GLY A 18 -10.30 9.22 -7.57
C GLY A 18 -10.01 7.74 -7.73
N SER A 19 -9.64 7.33 -8.94
CA SER A 19 -9.33 5.93 -9.21
C SER A 19 -7.96 5.54 -8.68
N ILE A 20 -7.80 4.25 -8.41
CA ILE A 20 -6.52 3.74 -7.91
C ILE A 20 -5.51 3.75 -9.04
N HIS A 21 -4.31 4.26 -8.79
CA HIS A 21 -3.24 4.31 -9.80
C HIS A 21 -1.99 3.58 -9.32
N LEU A 22 -0.93 3.56 -10.13
CA LEU A 22 0.29 2.84 -9.74
C LEU A 22 0.96 3.36 -8.45
N GLY A 23 0.68 4.61 -8.09
CA GLY A 23 1.24 5.16 -6.87
C GLY A 23 0.65 4.42 -5.69
N HIS A 24 -0.67 4.29 -5.69
CA HIS A 24 -1.37 3.57 -4.63
C HIS A 24 -0.86 2.13 -4.57
N MET A 25 -0.79 1.48 -5.73
CA MET A 25 -0.35 0.10 -5.76
C MET A 25 1.02 -0.18 -5.15
N LEU A 26 1.95 0.76 -5.22
CA LEU A 26 3.26 0.54 -4.62
C LEU A 26 3.10 0.27 -3.12
N GLU A 27 2.27 1.09 -2.48
CA GLU A 27 2.04 0.96 -1.05
C GLU A 27 1.30 -0.30 -0.64
N HIS A 28 0.20 -0.59 -1.34
CA HIS A 28 -0.60 -1.77 -1.02
C HIS A 28 0.13 -3.07 -1.31
N ILE A 29 0.95 -3.07 -2.36
CA ILE A 29 1.73 -4.25 -2.67
C ILE A 29 2.85 -4.43 -1.64
N GLN A 30 3.51 -3.35 -1.24
CA GLN A 30 4.58 -3.45 -0.24
C GLN A 30 4.03 -4.07 1.05
N ALA A 31 2.91 -3.53 1.53
CA ALA A 31 2.30 -4.02 2.74
C ALA A 31 1.81 -5.47 2.60
N ASP A 32 1.22 -5.80 1.44
CA ASP A 32 0.72 -7.16 1.24
C ASP A 32 1.81 -8.22 1.28
N VAL A 33 2.98 -7.89 0.74
CA VAL A 33 4.10 -8.82 0.75
C VAL A 33 4.51 -9.07 2.20
N TRP A 34 4.63 -8.00 2.98
CA TRP A 34 5.03 -8.11 4.39
C TRP A 34 3.99 -8.93 5.17
N VAL A 35 2.71 -8.64 4.93
CA VAL A 35 1.62 -9.34 5.59
C VAL A 35 1.59 -10.83 5.26
N ARG A 36 1.73 -11.16 3.99
CA ARG A 36 1.72 -12.57 3.60
C ARG A 36 2.91 -13.29 4.25
N TYR A 37 4.05 -12.62 4.35
CA TYR A 37 5.21 -13.24 4.99
C TYR A 37 4.93 -13.49 6.48
N GLN A 38 4.32 -12.50 7.16
CA GLN A 38 4.01 -12.65 8.57
C GLN A 38 3.05 -13.82 8.81
N ARG A 39 2.08 -14.01 7.93
CA ARG A 39 1.15 -15.12 8.06
C ARG A 39 1.89 -16.44 7.87
N MET A 40 2.86 -16.47 6.94
CA MET A 40 3.63 -17.68 6.70
C MET A 40 4.45 -18.10 7.94
N ARG A 41 4.83 -17.12 8.76
CA ARG A 41 5.59 -17.44 9.95
C ARG A 41 4.68 -17.77 11.15
N GLY A 42 3.37 -17.89 10.89
CA GLY A 42 2.44 -18.29 11.94
C GLY A 42 1.81 -17.27 12.88
N HIS A 43 2.02 -16.00 12.63
CA HIS A 43 1.46 -14.97 13.50
C HIS A 43 0.01 -14.67 13.22
N GLU A 44 -0.68 -14.06 14.19
CA GLU A 44 -2.08 -13.66 14.03
C GLU A 44 -2.00 -12.28 13.37
N VAL A 45 -2.45 -12.19 12.12
CA VAL A 45 -2.38 -10.93 11.41
C VAL A 45 -3.74 -10.39 10.97
N ASN A 46 -3.91 -9.08 11.14
CA ASN A 46 -5.13 -8.38 10.74
C ASN A 46 -4.72 -7.22 9.81
N PHE A 47 -4.93 -7.43 8.52
CA PHE A 47 -4.60 -6.47 7.45
C PHE A 47 -5.86 -5.65 7.18
N ILE A 48 -5.82 -4.37 7.55
CA ILE A 48 -6.97 -3.47 7.48
C ILE A 48 -6.83 -2.22 6.61
N CYS A 49 -7.91 -1.83 5.94
CA CYS A 49 -7.91 -0.60 5.13
C CYS A 49 -9.36 -0.13 4.96
N ALA A 50 -9.56 0.92 4.17
CA ALA A 50 -10.88 1.49 3.95
C ALA A 50 -10.74 2.72 3.07
N ASP A 51 -11.87 3.21 2.55
CA ASP A 51 -11.90 4.41 1.71
C ASP A 51 -12.06 5.62 2.63
N ASP A 52 -11.37 6.72 2.29
CA ASP A 52 -11.43 7.99 3.02
C ASP A 52 -12.56 8.70 2.27
N ALA A 53 -13.76 8.71 2.85
CA ALA A 53 -14.93 9.25 2.16
C ALA A 53 -15.53 10.61 2.53
N HIS A 54 -14.88 11.40 3.37
CA HIS A 54 -15.44 12.71 3.75
C HIS A 54 -14.71 13.91 3.16
N GLY A 55 -15.34 15.08 3.27
CA GLY A 55 -14.71 16.28 2.76
C GLY A 55 -15.47 17.07 1.73
N THR A 56 -15.10 18.34 1.60
CA THR A 56 -15.73 19.26 0.65
C THR A 56 -15.59 18.82 -0.80
N PRO A 57 -14.37 18.42 -1.22
CA PRO A 57 -14.20 17.99 -2.62
C PRO A 57 -15.22 16.92 -2.99
N ILE A 58 -15.37 15.93 -2.13
CA ILE A 58 -16.31 14.85 -2.35
C ILE A 58 -17.75 15.37 -2.40
N MET A 59 -18.10 16.27 -1.47
CA MET A 59 -19.45 16.83 -1.44
C MET A 59 -19.78 17.54 -2.75
N LEU A 60 -18.84 18.34 -3.24
CA LEU A 60 -19.04 19.10 -4.47
C LEU A 60 -19.08 18.22 -5.72
N LYS A 61 -18.27 17.17 -5.76
CA LYS A 61 -18.29 16.29 -6.92
C LYS A 61 -19.66 15.63 -7.03
N ALA A 62 -20.15 15.11 -5.92
CA ALA A 62 -21.47 14.47 -5.91
C ALA A 62 -22.53 15.43 -6.42
N GLN A 63 -22.40 16.71 -6.06
CA GLN A 63 -23.35 17.72 -6.49
C GLN A 63 -23.30 18.00 -7.99
N GLN A 64 -22.13 17.82 -8.58
CA GLN A 64 -21.97 18.05 -10.01
C GLN A 64 -22.50 16.85 -10.79
N LEU A 65 -22.23 15.65 -10.29
CA LEU A 65 -22.68 14.43 -10.94
C LEU A 65 -24.20 14.27 -10.81
N GLY A 66 -24.80 15.04 -9.90
CA GLY A 66 -26.24 14.95 -9.71
C GLY A 66 -26.67 13.75 -8.90
N ILE A 67 -25.85 13.34 -7.95
CA ILE A 67 -26.15 12.21 -7.10
C ILE A 67 -25.71 12.47 -5.66
N THR A 68 -26.24 11.68 -4.72
CA THR A 68 -25.89 11.83 -3.32
C THR A 68 -24.43 11.43 -3.08
N PRO A 69 -23.77 12.03 -2.07
CA PRO A 69 -22.38 11.65 -1.81
C PRO A 69 -22.31 10.17 -1.46
N GLU A 70 -23.36 9.68 -0.79
CA GLU A 70 -23.43 8.27 -0.39
C GLU A 70 -23.37 7.36 -1.61
N GLN A 71 -24.14 7.68 -2.64
CA GLN A 71 -24.15 6.87 -3.84
C GLN A 71 -22.78 6.89 -4.52
N MET A 72 -22.23 8.10 -4.66
CA MET A 72 -20.93 8.27 -5.30
C MET A 72 -19.81 7.51 -4.57
N ILE A 73 -19.74 7.64 -3.26
CA ILE A 73 -18.69 6.95 -2.51
C ILE A 73 -18.93 5.44 -2.52
N GLY A 74 -20.18 5.05 -2.69
CA GLY A 74 -20.48 3.63 -2.74
C GLY A 74 -19.92 3.03 -4.01
N GLU A 75 -20.07 3.76 -5.11
CA GLU A 75 -19.57 3.30 -6.40
C GLU A 75 -18.04 3.29 -6.44
N MET A 76 -17.42 4.33 -5.89
CA MET A 76 -15.96 4.38 -5.88
C MET A 76 -15.37 3.31 -4.94
N SER A 77 -16.08 3.01 -3.85
CA SER A 77 -15.62 1.98 -2.92
C SER A 77 -15.56 0.63 -3.63
N GLN A 78 -16.60 0.35 -4.42
CA GLN A 78 -16.66 -0.90 -5.16
C GLN A 78 -15.56 -0.93 -6.20
N GLU A 79 -15.35 0.20 -6.87
CA GLU A 79 -14.32 0.28 -7.91
C GLU A 79 -12.95 0.00 -7.30
N HIS A 80 -12.65 0.65 -6.18
CA HIS A 80 -11.39 0.47 -5.49
C HIS A 80 -11.13 -0.98 -5.07
N GLN A 81 -12.12 -1.59 -4.42
CA GLN A 81 -11.95 -2.96 -3.96
C GLN A 81 -11.79 -3.96 -5.10
N THR A 82 -12.42 -3.69 -6.24
CA THR A 82 -12.29 -4.56 -7.40
C THR A 82 -10.86 -4.52 -7.91
N ASP A 83 -10.27 -3.33 -7.95
CA ASP A 83 -8.89 -3.16 -8.40
C ASP A 83 -7.90 -3.84 -7.45
N PHE A 84 -8.07 -3.60 -6.15
CA PHE A 84 -7.18 -4.20 -5.16
C PHE A 84 -7.28 -5.73 -5.19
N ALA A 85 -8.48 -6.25 -5.41
CA ALA A 85 -8.68 -7.71 -5.46
C ALA A 85 -7.95 -8.28 -6.66
N GLY A 86 -7.92 -7.52 -7.75
CA GLY A 86 -7.25 -7.94 -8.97
C GLY A 86 -5.74 -8.01 -8.78
N PHE A 87 -5.23 -7.32 -7.77
CA PHE A 87 -3.80 -7.36 -7.48
C PHE A 87 -3.56 -8.26 -6.28
N ASN A 88 -4.62 -8.93 -5.85
CA ASN A 88 -4.58 -9.86 -4.73
C ASN A 88 -4.07 -9.27 -3.42
N ILE A 89 -4.55 -8.09 -3.07
CA ILE A 89 -4.16 -7.50 -1.79
C ILE A 89 -5.10 -8.18 -0.80
N SER A 90 -4.51 -8.98 0.10
CA SER A 90 -5.23 -9.79 1.08
C SER A 90 -5.85 -9.18 2.33
N TYR A 91 -6.58 -8.08 2.18
CA TYR A 91 -7.20 -7.44 3.35
C TYR A 91 -8.11 -8.38 4.11
N ASP A 92 -8.12 -8.23 5.44
CA ASP A 92 -9.00 -9.03 6.28
C ASP A 92 -10.31 -8.24 6.40
N ASN A 93 -10.24 -6.95 6.07
CA ASN A 93 -11.40 -6.06 6.07
C ASN A 93 -11.10 -4.75 5.34
N TYR A 94 -12.03 -4.31 4.50
CA TYR A 94 -11.93 -3.05 3.77
C TYR A 94 -13.25 -2.32 4.07
N HIS A 95 -13.18 -1.30 4.92
CA HIS A 95 -14.39 -0.56 5.33
C HIS A 95 -14.48 0.85 4.74
N SER A 96 -15.02 1.79 5.52
CA SER A 96 -15.19 3.17 5.09
C SER A 96 -15.19 4.11 6.29
N THR A 97 -14.68 5.33 6.08
CA THR A 97 -14.65 6.31 7.17
C THR A 97 -16.07 6.83 7.39
N HIS A 98 -16.94 6.59 6.43
CA HIS A 98 -18.34 7.00 6.54
C HIS A 98 -19.07 5.74 6.98
N SER A 99 -19.06 5.51 8.30
CA SER A 99 -19.70 4.35 8.89
C SER A 99 -20.04 4.66 10.35
N GLU A 100 -20.89 3.83 10.94
CA GLU A 100 -21.30 4.04 12.33
C GLU A 100 -20.13 3.80 13.27
N GLU A 101 -19.26 2.86 12.92
CA GLU A 101 -18.11 2.56 13.75
C GLU A 101 -17.20 3.78 13.87
N ASN A 102 -16.95 4.45 12.75
CA ASN A 102 -16.08 5.61 12.75
C ASN A 102 -16.77 6.80 13.42
N ARG A 103 -18.09 6.93 13.23
CA ARG A 103 -18.81 8.03 13.86
C ARG A 103 -18.69 7.94 15.37
N GLN A 104 -18.99 6.78 15.94
CA GLN A 104 -18.92 6.61 17.40
C GLN A 104 -17.51 6.77 17.94
N LEU A 105 -16.53 6.27 17.19
CA LEU A 105 -15.13 6.39 17.62
C LEU A 105 -14.63 7.82 17.53
N SER A 106 -15.07 8.55 16.51
CA SER A 106 -14.65 9.94 16.36
C SER A 106 -15.25 10.76 17.50
N GLU A 107 -16.51 10.50 17.82
CA GLU A 107 -17.18 11.21 18.90
C GLU A 107 -16.55 10.87 20.26
N LEU A 108 -16.16 9.62 20.43
CA LEU A 108 -15.55 9.17 21.67
C LEU A 108 -14.20 9.85 21.92
N ILE A 109 -13.34 9.80 20.91
CA ILE A 109 -12.03 10.40 21.02
C ILE A 109 -12.15 11.91 21.21
N TYR A 110 -13.06 12.55 20.50
CA TYR A 110 -13.26 14.00 20.65
C TYR A 110 -13.67 14.35 22.08
N SER A 111 -14.68 13.65 22.59
CA SER A 111 -15.16 13.90 23.94
C SER A 111 -14.06 13.68 24.99
N ARG A 112 -13.23 12.67 24.77
CA ARG A 112 -12.14 12.39 25.70
C ARG A 112 -11.09 13.49 25.63
N LEU A 113 -10.75 13.93 24.42
CA LEU A 113 -9.76 14.99 24.26
C LEU A 113 -10.27 16.28 24.89
N LYS A 114 -11.55 16.56 24.69
CA LYS A 114 -12.15 17.78 25.22
C LYS A 114 -12.13 17.72 26.74
N GLU A 115 -12.60 16.61 27.28
CA GLU A 115 -12.63 16.39 28.73
C GLU A 115 -11.23 16.52 29.34
N ASN A 116 -10.21 16.12 28.59
CA ASN A 116 -8.84 16.19 29.06
C ASN A 116 -8.17 17.55 28.85
N GLY A 117 -8.92 18.50 28.30
CA GLY A 117 -8.40 19.85 28.08
C GLY A 117 -7.56 20.04 26.83
N PHE A 118 -7.70 19.15 25.86
CA PHE A 118 -6.91 19.26 24.63
C PHE A 118 -7.62 19.92 23.46
N ILE A 119 -8.80 20.49 23.71
CA ILE A 119 -9.55 21.16 22.66
C ILE A 119 -9.77 22.64 22.99
N LYS A 120 -9.45 23.51 22.06
CA LYS A 120 -9.61 24.95 22.25
C LYS A 120 -10.54 25.56 21.21
N ASN A 121 -11.25 26.62 21.61
CA ASN A 121 -12.18 27.33 20.72
C ASN A 121 -11.51 28.61 20.23
N ARG A 122 -11.67 28.90 18.94
CA ARG A 122 -11.05 30.10 18.38
C ARG A 122 -11.77 30.57 17.13
N THR A 123 -11.98 31.88 17.02
CA THR A 123 -12.65 32.46 15.85
C THR A 123 -11.64 32.81 14.77
N ILE A 124 -11.97 32.52 13.51
CA ILE A 124 -11.09 32.83 12.40
C ILE A 124 -11.84 33.47 11.24
N SER A 125 -11.11 34.12 10.34
CA SER A 125 -11.67 34.77 9.17
C SER A 125 -11.32 33.94 7.94
N GLN A 126 -12.27 33.77 7.02
CA GLN A 126 -12.04 32.97 5.82
C GLN A 126 -12.95 33.40 4.67
N LEU A 127 -12.50 33.16 3.43
CA LEU A 127 -13.29 33.50 2.25
C LEU A 127 -14.61 32.75 2.31
N TYR A 128 -15.69 33.43 1.94
CA TYR A 128 -17.02 32.85 1.98
C TYR A 128 -17.84 33.16 0.74
N ASP A 129 -18.51 32.15 0.19
CA ASP A 129 -19.34 32.32 -0.98
C ASP A 129 -20.75 32.66 -0.48
N PRO A 130 -21.13 33.94 -0.53
CA PRO A 130 -22.44 34.39 -0.07
C PRO A 130 -23.60 33.82 -0.88
N GLU A 131 -23.34 33.55 -2.16
CA GLU A 131 -24.36 33.03 -3.05
C GLU A 131 -24.65 31.56 -2.76
N LYS A 132 -23.60 30.74 -2.73
CA LYS A 132 -23.75 29.33 -2.45
C LYS A 132 -23.97 29.12 -0.95
N GLY A 133 -23.45 30.05 -0.15
CA GLY A 133 -23.59 29.96 1.29
C GLY A 133 -22.63 28.96 1.91
N MET A 134 -21.36 29.02 1.52
CA MET A 134 -20.35 28.11 2.05
C MET A 134 -18.97 28.73 2.07
N PHE A 135 -18.14 28.33 3.03
CA PHE A 135 -16.77 28.83 3.11
C PHE A 135 -16.02 28.13 1.98
N LEU A 136 -15.04 28.81 1.39
CA LEU A 136 -14.29 28.24 0.28
C LEU A 136 -12.85 27.86 0.61
N PRO A 137 -12.50 26.59 0.38
CA PRO A 137 -11.11 26.19 0.67
C PRO A 137 -10.30 26.89 -0.42
N ASP A 138 -9.03 27.17 -0.16
CA ASP A 138 -8.18 27.87 -1.14
C ASP A 138 -8.36 27.46 -2.59
N ARG A 139 -8.32 26.16 -2.87
CA ARG A 139 -8.45 25.67 -4.24
C ARG A 139 -9.80 25.93 -4.92
N PHE A 140 -10.73 26.54 -4.19
CA PHE A 140 -12.04 26.84 -4.77
C PHE A 140 -12.24 28.33 -4.92
N VAL A 141 -11.12 29.06 -4.88
CA VAL A 141 -11.12 30.51 -5.04
C VAL A 141 -10.22 30.79 -6.24
N LYS A 142 -10.66 31.67 -7.13
CA LYS A 142 -9.86 32.00 -8.30
C LYS A 142 -9.99 33.46 -8.73
N GLY A 143 -8.96 33.95 -9.40
CA GLY A 143 -8.95 35.32 -9.86
C GLY A 143 -7.67 35.68 -10.58
N THR A 144 -7.34 36.97 -10.56
CA THR A 144 -6.13 37.48 -11.22
C THR A 144 -4.94 37.57 -10.28
N CYS A 145 -3.81 37.00 -10.69
CA CYS A 145 -2.59 37.03 -9.89
C CYS A 145 -2.15 38.46 -9.58
N PRO A 146 -1.89 38.76 -8.30
CA PRO A 146 -1.47 40.09 -7.83
C PRO A 146 -0.21 40.60 -8.51
N LYS A 147 0.73 39.70 -8.75
CA LYS A 147 2.01 40.05 -9.35
C LYS A 147 1.97 40.31 -10.86
N CYS A 148 1.81 39.25 -11.66
CA CYS A 148 1.80 39.39 -13.12
C CYS A 148 0.46 39.76 -13.74
N LYS A 149 -0.61 39.71 -12.94
CA LYS A 149 -1.95 40.05 -13.42
C LYS A 149 -2.55 39.02 -14.39
N SER A 150 -2.08 37.77 -14.32
CA SER A 150 -2.61 36.73 -15.20
C SER A 150 -4.00 36.33 -14.71
N PRO A 151 -4.98 36.28 -15.63
CA PRO A 151 -6.35 35.91 -15.27
C PRO A 151 -6.54 34.41 -15.03
N ASP A 152 -7.61 34.07 -14.32
CA ASP A 152 -7.97 32.69 -14.04
C ASP A 152 -6.96 31.83 -13.27
N GLN A 153 -6.44 32.36 -12.17
CA GLN A 153 -5.50 31.61 -11.35
C GLN A 153 -6.25 31.00 -10.18
N TYR A 154 -5.83 29.80 -9.76
CA TYR A 154 -6.50 29.10 -8.66
C TYR A 154 -5.65 28.97 -7.40
N GLY A 155 -6.31 29.03 -6.24
CA GLY A 155 -5.62 28.88 -4.97
C GLY A 155 -4.63 29.93 -4.54
N ASP A 156 -3.55 29.47 -3.90
CA ASP A 156 -2.51 30.35 -3.37
C ASP A 156 -1.27 30.53 -4.26
N ASN A 157 -1.37 30.13 -5.53
CA ASN A 157 -0.22 30.28 -6.42
C ASN A 157 -0.63 30.48 -7.87
N CYS A 158 0.22 31.18 -8.61
CA CYS A 158 -0.02 31.46 -10.03
C CYS A 158 0.79 30.49 -10.89
N GLU A 159 0.16 29.96 -11.93
CA GLU A 159 0.82 29.01 -12.82
C GLU A 159 1.56 29.69 -13.97
N VAL A 160 1.57 31.02 -13.97
CA VAL A 160 2.27 31.76 -15.00
C VAL A 160 3.61 32.29 -14.48
N CYS A 161 3.57 33.16 -13.47
CA CYS A 161 4.80 33.71 -12.92
C CYS A 161 5.32 32.90 -11.72
N GLY A 162 4.55 31.91 -11.30
CA GLY A 162 4.96 31.06 -10.19
C GLY A 162 4.90 31.70 -8.81
N ALA A 163 4.32 32.89 -8.71
CA ALA A 163 4.20 33.57 -7.42
C ALA A 163 3.23 32.87 -6.49
N THR A 164 3.47 32.99 -5.19
CA THR A 164 2.61 32.38 -4.18
C THR A 164 2.03 33.49 -3.31
N TYR A 165 0.82 33.27 -2.81
CA TYR A 165 0.14 34.29 -2.01
C TYR A 165 -1.15 33.75 -1.41
N SER A 166 -1.75 34.52 -0.52
CA SER A 166 -3.01 34.14 0.09
C SER A 166 -4.10 34.43 -0.94
N PRO A 167 -5.11 33.55 -1.05
CA PRO A 167 -6.18 33.79 -2.03
C PRO A 167 -6.85 35.15 -1.81
N THR A 168 -6.65 35.73 -0.64
CA THR A 168 -7.23 37.03 -0.31
C THR A 168 -6.53 38.12 -1.09
N GLU A 169 -5.40 37.78 -1.72
CA GLU A 169 -4.63 38.74 -2.50
C GLU A 169 -5.01 38.71 -3.98
N LEU A 170 -5.81 37.73 -4.37
CA LEU A 170 -6.26 37.59 -5.76
C LEU A 170 -7.10 38.79 -6.19
N ILE A 171 -6.89 39.23 -7.44
CA ILE A 171 -7.64 40.35 -7.98
C ILE A 171 -8.94 39.83 -8.60
N GLU A 172 -10.05 40.48 -8.26
CA GLU A 172 -11.36 40.08 -8.76
C GLU A 172 -11.65 38.61 -8.45
N PRO A 173 -11.60 38.23 -7.16
CA PRO A 173 -11.87 36.84 -6.76
C PRO A 173 -13.24 36.35 -7.22
N LYS A 174 -13.34 35.05 -7.47
CA LYS A 174 -14.58 34.44 -7.91
C LYS A 174 -14.69 33.03 -7.35
N SER A 175 -15.87 32.69 -6.85
CA SER A 175 -16.09 31.37 -6.30
C SER A 175 -16.06 30.37 -7.46
N VAL A 176 -15.25 29.32 -7.33
CA VAL A 176 -15.16 28.32 -8.38
C VAL A 176 -16.46 27.52 -8.42
N VAL A 177 -17.23 27.61 -7.33
CA VAL A 177 -18.50 26.89 -7.21
C VAL A 177 -19.69 27.59 -7.86
N SER A 178 -19.90 28.87 -7.52
CA SER A 178 -21.03 29.61 -8.06
C SER A 178 -20.63 30.74 -8.99
N GLY A 179 -19.39 31.21 -8.83
CA GLY A 179 -18.92 32.31 -9.67
C GLY A 179 -19.15 33.66 -9.00
N ALA A 180 -19.84 33.64 -7.86
CA ALA A 180 -20.09 34.88 -7.13
C ALA A 180 -18.80 35.40 -6.51
N THR A 181 -18.76 36.69 -6.21
CA THR A 181 -17.57 37.28 -5.59
C THR A 181 -17.59 36.91 -4.11
N PRO A 182 -16.53 36.26 -3.63
CA PRO A 182 -16.46 35.86 -2.21
C PRO A 182 -16.04 37.01 -1.28
N VAL A 183 -16.41 36.89 -0.01
CA VAL A 183 -16.08 37.89 1.00
C VAL A 183 -15.59 37.22 2.28
N MET A 184 -14.77 37.94 3.05
CA MET A 184 -14.24 37.42 4.32
C MET A 184 -15.37 37.35 5.35
N ARG A 185 -15.45 36.23 6.07
CA ARG A 185 -16.49 36.02 7.07
C ARG A 185 -15.92 35.28 8.28
N ASP A 186 -16.34 35.67 9.49
CA ASP A 186 -15.87 35.04 10.72
C ASP A 186 -16.56 33.70 11.01
N SER A 187 -15.88 32.85 11.78
CA SER A 187 -16.44 31.55 12.16
C SER A 187 -15.64 30.92 13.30
N GLU A 188 -16.35 30.32 14.26
CA GLU A 188 -15.70 29.68 15.39
C GLU A 188 -15.21 28.28 15.01
N HIS A 189 -13.96 28.00 15.34
CA HIS A 189 -13.37 26.70 15.04
C HIS A 189 -12.84 26.02 16.28
N PHE A 190 -12.80 24.70 16.25
CA PHE A 190 -12.29 23.92 17.37
C PHE A 190 -10.86 23.45 17.02
N PHE A 191 -9.90 23.63 17.93
CA PHE A 191 -8.50 23.24 17.70
C PHE A 191 -7.98 22.17 18.66
N PHE A 192 -7.11 21.30 18.15
CA PHE A 192 -6.48 20.25 18.95
C PHE A 192 -5.13 20.81 19.39
N ASP A 193 -4.85 20.74 20.68
CA ASP A 193 -3.62 21.28 21.23
C ASP A 193 -2.40 20.36 21.11
N LEU A 194 -1.95 20.15 19.88
CA LEU A 194 -0.80 19.31 19.60
C LEU A 194 0.46 19.74 20.38
N PRO A 195 0.66 21.05 20.55
CA PRO A 195 1.85 21.50 21.30
C PRO A 195 2.01 20.86 22.67
N SER A 196 0.91 20.45 23.29
CA SER A 196 0.96 19.82 24.61
C SER A 196 1.68 18.48 24.63
N PHE A 197 1.80 17.84 23.47
CA PHE A 197 2.46 16.55 23.40
C PHE A 197 3.87 16.60 22.82
N SER A 198 4.41 17.82 22.75
CA SER A 198 5.75 18.03 22.21
C SER A 198 6.83 17.13 22.78
N GLU A 199 6.99 17.17 24.10
CA GLU A 199 8.03 16.35 24.74
C GLU A 199 7.82 14.85 24.48
N MET A 200 6.57 14.41 24.58
CA MET A 200 6.24 13.00 24.34
C MET A 200 6.67 12.58 22.93
N LEU A 201 6.31 13.39 21.94
CA LEU A 201 6.65 13.12 20.54
C LEU A 201 8.15 13.15 20.25
N GLN A 202 8.86 14.09 20.88
CA GLN A 202 10.30 14.18 20.67
C GLN A 202 10.97 12.92 21.20
N ALA A 203 10.47 12.40 22.32
CA ALA A 203 11.02 11.17 22.89
C ALA A 203 10.84 10.00 21.92
N TRP A 204 9.65 9.91 21.32
CA TRP A 204 9.36 8.84 20.38
C TRP A 204 10.25 8.92 19.15
N THR A 205 10.45 10.13 18.64
CA THR A 205 11.30 10.34 17.48
C THR A 205 12.71 9.83 17.75
N ARG A 206 13.13 10.07 18.99
CA ARG A 206 14.45 9.72 19.49
C ARG A 206 14.66 8.27 19.90
N SER A 207 13.57 7.51 19.94
CA SER A 207 13.64 6.12 20.37
C SER A 207 14.42 5.20 19.42
N GLY A 208 14.54 5.59 18.15
CA GLY A 208 15.25 4.76 17.18
C GLY A 208 14.35 3.75 16.49
N ALA A 209 13.04 3.83 16.78
CA ALA A 209 12.07 2.93 16.15
C ALA A 209 11.79 3.35 14.71
N LEU A 210 11.55 4.64 14.51
CA LEU A 210 11.24 5.16 13.19
C LEU A 210 12.45 5.13 12.27
N GLN A 211 12.17 5.23 10.98
CA GLN A 211 13.23 5.25 9.98
C GLN A 211 14.07 6.49 10.20
N GLU A 212 15.37 6.36 9.95
CA GLU A 212 16.31 7.46 10.12
C GLU A 212 15.87 8.73 9.36
N GLN A 213 15.47 8.56 8.11
CA GLN A 213 15.03 9.69 7.31
C GLN A 213 13.77 10.34 7.85
N VAL A 214 12.92 9.56 8.51
CA VAL A 214 11.69 10.10 9.07
C VAL A 214 12.03 10.91 10.33
N ALA A 215 12.88 10.36 11.18
CA ALA A 215 13.28 11.06 12.40
C ALA A 215 13.88 12.42 12.02
N ASN A 216 14.71 12.45 11.00
CA ASN A 216 15.34 13.69 10.54
C ASN A 216 14.30 14.72 10.12
N LYS A 217 13.28 14.26 9.41
CA LYS A 217 12.20 15.14 8.96
C LYS A 217 11.45 15.71 10.16
N MET A 218 11.23 14.87 11.16
CA MET A 218 10.52 15.30 12.36
C MET A 218 11.28 16.38 13.14
N GLN A 219 12.61 16.34 13.13
CA GLN A 219 13.39 17.36 13.83
C GLN A 219 13.17 18.73 13.17
N GLU A 220 12.95 18.72 11.86
CA GLU A 220 12.71 19.95 11.13
C GLU A 220 11.38 20.55 11.58
N TRP A 221 10.39 19.70 11.80
CA TRP A 221 9.08 20.16 12.23
C TRP A 221 9.08 20.69 13.67
N PHE A 222 9.84 20.05 14.55
CA PHE A 222 9.93 20.53 15.93
C PHE A 222 10.64 21.87 15.90
N GLU A 223 11.68 21.98 15.07
CA GLU A 223 12.43 23.23 14.95
C GLU A 223 11.51 24.35 14.48
N SER A 224 10.66 24.07 13.49
CA SER A 224 9.74 25.08 13.00
C SER A 224 8.73 25.43 14.09
N GLY A 225 8.43 24.45 14.94
CA GLY A 225 7.49 24.66 16.03
C GLY A 225 6.11 24.06 15.77
N LEU A 226 5.61 23.28 16.72
CA LEU A 226 4.30 22.67 16.58
C LEU A 226 3.23 23.73 16.83
N GLN A 227 2.11 23.63 16.11
CA GLN A 227 0.99 24.56 16.23
C GLN A 227 -0.28 23.80 16.54
N GLN A 228 -1.30 24.51 17.02
CA GLN A 228 -2.58 23.87 17.29
C GLN A 228 -3.17 23.52 15.93
N TRP A 229 -3.96 22.46 15.89
CA TRP A 229 -4.54 21.99 14.64
C TRP A 229 -6.04 22.20 14.56
N ASP A 230 -6.48 22.91 13.53
CA ASP A 230 -7.89 23.19 13.28
C ASP A 230 -8.55 21.88 12.89
N ILE A 231 -9.50 21.41 13.67
CA ILE A 231 -10.16 20.14 13.36
C ILE A 231 -11.65 20.25 13.07
N SER A 232 -12.15 21.45 12.84
CA SER A 232 -13.56 21.62 12.54
C SER A 232 -13.80 22.32 11.20
N ARG A 233 -14.96 22.05 10.60
CA ARG A 233 -15.35 22.66 9.34
C ARG A 233 -16.84 22.97 9.41
N ASP A 234 -17.24 24.12 8.85
CA ASP A 234 -18.63 24.52 8.86
C ASP A 234 -19.46 23.86 7.76
N ALA A 235 -20.77 23.80 8.00
CA ALA A 235 -21.69 23.24 7.03
C ALA A 235 -21.77 24.31 5.94
N PRO A 236 -22.08 23.92 4.69
CA PRO A 236 -22.38 22.56 4.23
C PRO A 236 -21.12 21.70 4.23
N TYR A 237 -21.25 20.46 4.66
CA TYR A 237 -20.11 19.55 4.71
C TYR A 237 -20.57 18.10 4.73
N PHE A 238 -19.81 17.24 4.06
CA PHE A 238 -20.13 15.83 4.05
C PHE A 238 -19.21 15.16 5.06
N GLY A 239 -19.72 14.95 6.26
CA GLY A 239 -18.92 14.34 7.32
C GLY A 239 -19.68 14.10 8.61
N PHE A 240 -18.94 14.05 9.71
CA PHE A 240 -19.51 13.82 11.03
C PHE A 240 -19.73 15.11 11.81
N GLU A 241 -20.94 15.31 12.31
CA GLU A 241 -21.28 16.49 13.09
C GLU A 241 -20.65 16.44 14.48
N ILE A 242 -20.16 17.57 14.95
CA ILE A 242 -19.53 17.63 16.27
C ILE A 242 -20.59 17.75 17.35
N PRO A 243 -20.49 16.91 18.40
CA PRO A 243 -21.44 16.92 19.51
C PRO A 243 -21.57 18.31 20.15
N ASN A 244 -22.79 18.72 20.46
CA ASN A 244 -23.03 20.01 21.10
C ASN A 244 -22.61 21.22 20.26
N ALA A 245 -22.38 21.02 18.96
CA ALA A 245 -21.96 22.11 18.11
C ALA A 245 -22.70 22.11 16.78
N PRO A 246 -23.96 22.57 16.77
CA PRO A 246 -24.78 22.63 15.57
C PRO A 246 -24.06 23.28 14.39
N GLY A 247 -24.15 22.65 13.22
CA GLY A 247 -23.52 23.21 12.03
C GLY A 247 -22.01 23.05 11.92
N LYS A 248 -21.38 22.39 12.90
CA LYS A 248 -19.93 22.17 12.87
C LYS A 248 -19.63 20.69 12.64
N TYR A 249 -18.62 20.40 11.82
CA TYR A 249 -18.23 19.02 11.51
C TYR A 249 -16.75 18.74 11.75
N PHE A 250 -16.41 17.48 11.94
CA PHE A 250 -15.02 17.08 12.15
C PHE A 250 -14.31 17.18 10.80
N TYR A 251 -13.20 17.92 10.77
CA TYR A 251 -12.42 18.05 9.54
C TYR A 251 -12.02 16.63 9.15
N VAL A 252 -12.04 16.35 7.85
CA VAL A 252 -11.71 15.03 7.32
C VAL A 252 -10.47 14.37 7.92
N TRP A 253 -9.40 15.12 8.09
CA TRP A 253 -8.17 14.52 8.63
C TRP A 253 -8.25 14.13 10.10
N LEU A 254 -9.29 14.57 10.80
CA LEU A 254 -9.44 14.21 12.20
C LEU A 254 -10.07 12.81 12.24
N ASP A 255 -11.06 12.57 11.40
CA ASP A 255 -11.74 11.27 11.39
C ASP A 255 -11.11 10.20 10.47
N ALA A 256 -10.28 10.62 9.52
CA ALA A 256 -9.64 9.67 8.60
C ALA A 256 -8.85 8.57 9.31
N PRO A 257 -7.85 8.94 10.14
CA PRO A 257 -7.07 7.91 10.84
C PRO A 257 -7.92 7.10 11.81
N ILE A 258 -8.94 7.73 12.40
CA ILE A 258 -9.80 7.00 13.32
C ILE A 258 -10.46 5.87 12.51
N GLY A 259 -10.47 6.05 11.19
CA GLY A 259 -11.04 5.05 10.30
C GLY A 259 -10.27 3.73 10.38
N TYR A 260 -9.00 3.80 10.80
CA TYR A 260 -8.20 2.58 10.95
C TYR A 260 -8.85 1.78 12.09
N MET A 261 -9.24 2.49 13.14
CA MET A 261 -9.90 1.88 14.29
C MET A 261 -11.31 1.41 13.91
N GLY A 262 -12.04 2.24 13.17
CA GLY A 262 -13.39 1.89 12.77
C GLY A 262 -13.45 0.65 11.90
N SER A 263 -12.46 0.47 11.03
CA SER A 263 -12.46 -0.70 10.17
C SER A 263 -12.20 -1.96 11.00
N PHE A 264 -11.34 -1.85 12.01
CA PHE A 264 -11.06 -3.01 12.84
C PHE A 264 -12.26 -3.33 13.72
N LYS A 265 -12.93 -2.31 14.25
CA LYS A 265 -14.10 -2.57 15.08
C LYS A 265 -15.14 -3.27 14.22
N ASN A 266 -15.30 -2.81 12.99
CA ASN A 266 -16.25 -3.41 12.07
C ASN A 266 -15.93 -4.89 11.87
N LEU A 267 -14.65 -5.19 11.66
CA LEU A 267 -14.23 -6.57 11.45
C LEU A 267 -14.55 -7.42 12.68
N CYS A 268 -14.19 -6.92 13.87
CA CYS A 268 -14.45 -7.65 15.10
C CYS A 268 -15.95 -7.90 15.27
N ASP A 269 -16.76 -6.86 15.10
CA ASP A 269 -18.21 -7.00 15.25
C ASP A 269 -18.78 -8.04 14.29
N LYS A 270 -18.34 -8.02 13.04
CA LYS A 270 -18.84 -8.99 12.07
C LYS A 270 -18.47 -10.42 12.45
N ARG A 271 -17.32 -10.58 13.09
CA ARG A 271 -16.85 -11.90 13.52
C ARG A 271 -17.50 -12.36 14.82
N GLY A 272 -18.23 -11.46 15.49
CA GLY A 272 -18.85 -11.80 16.75
C GLY A 272 -17.80 -11.86 17.85
N ASP A 273 -16.66 -11.21 17.59
CA ASP A 273 -15.52 -11.16 18.49
C ASP A 273 -15.66 -9.93 19.39
N SER A 274 -15.91 -10.15 20.69
CA SER A 274 -16.10 -9.04 21.61
C SER A 274 -14.88 -8.67 22.47
N VAL A 275 -13.72 -9.27 22.19
CA VAL A 275 -12.55 -8.97 23.00
C VAL A 275 -11.33 -8.41 22.27
N SER A 276 -11.19 -8.72 20.98
CA SER A 276 -10.03 -8.27 20.23
C SER A 276 -9.84 -6.77 20.01
N PHE A 277 -10.93 -6.00 19.87
CA PHE A 277 -10.72 -4.57 19.66
C PHE A 277 -9.92 -3.99 20.82
N ASP A 278 -10.37 -4.26 22.04
CA ASP A 278 -9.68 -3.75 23.21
C ASP A 278 -8.28 -4.36 23.35
N GLU A 279 -8.11 -5.64 23.02
CA GLU A 279 -6.80 -6.25 23.12
C GLU A 279 -5.78 -5.58 22.18
N TYR A 280 -6.26 -5.01 21.09
CA TYR A 280 -5.38 -4.35 20.14
C TYR A 280 -5.22 -2.84 20.35
N TRP A 281 -6.26 -2.17 20.84
CA TRP A 281 -6.19 -0.72 21.01
C TRP A 281 -6.07 -0.14 22.42
N LYS A 282 -6.26 -0.99 23.43
CA LYS A 282 -6.15 -0.57 24.82
C LYS A 282 -4.70 -0.14 25.10
N LYS A 283 -4.52 0.74 26.08
CA LYS A 283 -3.20 1.24 26.44
C LYS A 283 -2.20 0.13 26.81
N ASP A 284 -2.70 -0.94 27.43
CA ASP A 284 -1.86 -2.05 27.87
C ASP A 284 -1.71 -3.17 26.85
N SER A 285 -1.99 -2.88 25.58
CA SER A 285 -1.90 -3.89 24.53
C SER A 285 -0.52 -4.51 24.35
N THR A 286 -0.49 -5.82 24.10
CA THR A 286 0.76 -6.50 23.83
C THR A 286 0.78 -6.81 22.33
N ALA A 287 -0.22 -6.29 21.62
CA ALA A 287 -0.30 -6.48 20.17
C ALA A 287 0.55 -5.41 19.49
N GLU A 288 0.91 -5.66 18.23
CA GLU A 288 1.72 -4.73 17.45
C GLU A 288 0.86 -4.02 16.42
N LEU A 289 1.10 -2.72 16.25
CA LEU A 289 0.34 -1.88 15.30
C LEU A 289 1.29 -1.17 14.33
N TYR A 290 1.07 -1.39 13.03
CA TYR A 290 1.92 -0.79 12.00
C TYR A 290 1.11 -0.10 10.90
N HIS A 291 1.59 1.06 10.47
CA HIS A 291 0.94 1.81 9.40
C HIS A 291 1.90 1.98 8.22
N PHE A 292 1.51 1.49 7.05
CA PHE A 292 2.32 1.68 5.85
C PHE A 292 1.79 2.97 5.22
N ILE A 293 2.65 3.96 5.02
CA ILE A 293 2.23 5.25 4.45
C ILE A 293 3.26 5.89 3.51
N GLY A 294 2.81 6.92 2.79
CA GLY A 294 3.68 7.65 1.87
C GLY A 294 4.31 8.84 2.58
N LYS A 295 5.41 9.36 2.04
CA LYS A 295 6.08 10.49 2.68
C LYS A 295 5.28 11.79 2.80
N ASP A 296 4.26 11.98 1.97
CA ASP A 296 3.46 13.20 2.05
C ASP A 296 2.50 13.28 3.23
N ILE A 297 2.29 12.15 3.92
CA ILE A 297 1.37 12.15 5.05
C ILE A 297 2.02 11.71 6.35
N VAL A 298 3.33 11.89 6.44
CA VAL A 298 4.06 11.50 7.63
C VAL A 298 3.81 12.45 8.79
N TYR A 299 3.49 13.71 8.47
CA TYR A 299 3.23 14.69 9.52
C TYR A 299 2.00 14.25 10.32
N PHE A 300 0.91 13.93 9.62
CA PHE A 300 -0.32 13.49 10.27
C PHE A 300 -0.10 12.23 11.12
N HIS A 301 0.60 11.24 10.57
CA HIS A 301 0.81 9.97 11.25
C HIS A 301 1.84 9.93 12.37
N SER A 302 2.81 10.84 12.34
CA SER A 302 3.86 10.83 13.34
C SER A 302 3.70 11.86 14.45
N LEU A 303 2.84 12.86 14.22
CA LEU A 303 2.62 13.92 15.20
C LEU A 303 1.17 14.01 15.69
N PHE A 304 0.23 14.38 14.81
CA PHE A 304 -1.18 14.48 15.22
C PHE A 304 -1.73 13.16 15.78
N TRP A 305 -1.57 12.08 15.02
CA TRP A 305 -2.09 10.76 15.36
C TRP A 305 -1.63 10.18 16.71
N PRO A 306 -0.31 10.05 16.95
CA PRO A 306 0.10 9.51 18.25
C PRO A 306 -0.41 10.36 19.40
N ALA A 307 -0.43 11.67 19.18
CA ALA A 307 -0.90 12.63 20.19
C ALA A 307 -2.39 12.40 20.47
N MET A 308 -3.18 12.29 19.40
CA MET A 308 -4.62 12.05 19.53
C MET A 308 -4.90 10.81 20.35
N LEU A 309 -4.18 9.73 20.06
CA LEU A 309 -4.36 8.45 20.77
C LEU A 309 -4.00 8.57 22.25
N GLU A 310 -2.85 9.18 22.52
CA GLU A 310 -2.39 9.39 23.90
C GLU A 310 -3.45 10.14 24.70
N GLY A 311 -3.95 11.22 24.13
CA GLY A 311 -4.95 12.06 24.79
C GLY A 311 -6.32 11.43 24.96
N SER A 312 -6.57 10.33 24.23
CA SER A 312 -7.85 9.64 24.35
C SER A 312 -7.69 8.27 24.99
N ASN A 313 -6.55 8.05 25.64
CA ASN A 313 -6.25 6.82 26.36
C ASN A 313 -6.17 5.53 25.52
N PHE A 314 -5.59 5.63 24.33
CA PHE A 314 -5.43 4.46 23.46
C PHE A 314 -3.93 4.26 23.22
N ARG A 315 -3.54 3.06 22.76
CA ARG A 315 -2.14 2.79 22.48
C ARG A 315 -1.73 3.53 21.21
N LYS A 316 -0.42 3.74 21.04
CA LYS A 316 0.12 4.42 19.87
C LYS A 316 0.75 3.40 18.91
N PRO A 317 1.00 3.80 17.66
CA PRO A 317 1.59 2.90 16.67
C PRO A 317 2.92 2.29 17.14
N SER A 318 3.14 1.01 16.85
CA SER A 318 4.39 0.35 17.21
C SER A 318 5.48 0.94 16.33
N ASN A 319 5.13 1.22 15.07
CA ASN A 319 6.04 1.82 14.12
C ASN A 319 5.32 2.32 12.88
N LEU A 320 5.99 3.19 12.13
CA LEU A 320 5.47 3.75 10.89
C LEU A 320 6.44 3.27 9.80
N PHE A 321 5.92 2.69 8.73
CA PHE A 321 6.74 2.20 7.62
C PHE A 321 6.48 3.10 6.42
N VAL A 322 7.41 4.00 6.16
CA VAL A 322 7.28 4.98 5.08
C VAL A 322 8.01 4.62 3.79
N HIS A 323 7.38 4.92 2.66
CA HIS A 323 7.95 4.64 1.34
C HIS A 323 7.95 5.92 0.50
N GLY A 324 8.72 5.93 -0.57
CA GLY A 324 8.79 7.10 -1.42
C GLY A 324 7.72 7.10 -2.49
N TYR A 325 7.86 8.00 -3.46
CA TYR A 325 6.90 8.10 -4.56
C TYR A 325 7.27 7.13 -5.67
N VAL A 326 6.34 6.94 -6.59
CA VAL A 326 6.58 6.08 -7.74
C VAL A 326 6.83 7.00 -8.94
N THR A 327 7.82 6.66 -9.75
CA THR A 327 8.11 7.43 -10.95
C THR A 327 8.05 6.41 -12.07
N VAL A 328 7.76 6.86 -13.29
CA VAL A 328 7.69 5.97 -14.45
C VAL A 328 8.70 6.51 -15.45
N ASN A 329 9.68 5.68 -15.80
CA ASN A 329 10.73 6.07 -16.72
C ASN A 329 11.54 7.24 -16.15
N GLY A 330 11.70 7.24 -14.84
CA GLY A 330 12.48 8.25 -14.16
C GLY A 330 11.81 9.56 -13.79
N ALA A 331 10.58 9.79 -14.25
CA ALA A 331 9.89 11.02 -13.93
C ALA A 331 8.54 10.80 -13.27
N LYS A 332 8.01 11.87 -12.68
CA LYS A 332 6.70 11.80 -12.04
C LYS A 332 5.73 11.37 -13.14
N MET A 333 4.69 10.61 -12.77
CA MET A 333 3.72 10.17 -13.76
C MET A 333 3.17 11.34 -14.56
N SER A 334 3.13 11.18 -15.88
CA SER A 334 2.67 12.22 -16.80
C SER A 334 1.46 11.77 -17.63
N LYS A 335 0.35 12.48 -17.48
CA LYS A 335 -0.85 12.14 -18.23
C LYS A 335 -0.62 12.24 -19.73
N SER A 336 0.01 13.34 -20.15
CA SER A 336 0.27 13.57 -21.57
C SER A 336 1.19 12.52 -22.21
N ARG A 337 2.11 11.96 -21.45
CA ARG A 337 3.02 10.95 -21.98
C ARG A 337 2.46 9.53 -21.83
N GLY A 338 1.35 9.41 -21.12
CA GLY A 338 0.75 8.10 -20.93
C GLY A 338 1.38 7.28 -19.82
N THR A 339 2.09 7.94 -18.90
CA THR A 339 2.72 7.23 -17.79
C THR A 339 1.90 7.36 -16.50
N PHE A 340 0.77 8.05 -16.57
CA PHE A 340 -0.11 8.15 -15.41
C PHE A 340 -1.04 6.95 -15.63
N ILE A 341 -0.69 5.83 -15.01
CA ILE A 341 -1.41 4.57 -15.18
C ILE A 341 -2.33 4.13 -14.04
N LYS A 342 -3.57 3.83 -14.39
CA LYS A 342 -4.54 3.36 -13.41
C LYS A 342 -4.31 1.88 -13.16
N ALA A 343 -4.71 1.41 -11.98
CA ALA A 343 -4.56 0.01 -11.64
C ALA A 343 -5.46 -0.86 -12.54
N SER A 344 -6.66 -0.37 -12.83
CA SER A 344 -7.59 -1.11 -13.67
C SER A 344 -7.01 -1.26 -15.08
N THR A 345 -6.41 -0.20 -15.61
CA THR A 345 -5.83 -0.24 -16.93
C THR A 345 -4.66 -1.21 -17.01
N TRP A 346 -3.80 -1.20 -15.99
CA TRP A 346 -2.66 -2.09 -15.96
C TRP A 346 -3.07 -3.55 -16.14
N LEU A 347 -4.13 -3.96 -15.45
CA LEU A 347 -4.59 -5.34 -15.54
C LEU A 347 -5.14 -5.76 -16.91
N ASN A 348 -5.44 -4.79 -17.78
CA ASN A 348 -5.93 -5.11 -19.13
C ASN A 348 -4.75 -5.53 -20.00
N HIS A 349 -3.55 -5.11 -19.59
CA HIS A 349 -2.32 -5.38 -20.34
C HIS A 349 -1.38 -6.42 -19.71
N PHE A 350 -1.23 -6.37 -18.39
CA PHE A 350 -0.34 -7.31 -17.71
C PHE A 350 -1.03 -7.96 -16.51
N ASP A 351 -0.39 -8.95 -15.92
CA ASP A 351 -0.98 -9.59 -14.75
C ASP A 351 -0.48 -8.87 -13.50
N ALA A 352 -1.02 -9.22 -12.35
CA ALA A 352 -0.64 -8.59 -11.09
C ALA A 352 0.76 -8.98 -10.62
N ASP A 353 1.10 -10.26 -10.74
CA ASP A 353 2.42 -10.74 -10.32
C ASP A 353 3.60 -10.00 -10.92
N SER A 354 3.49 -9.59 -12.18
CA SER A 354 4.60 -8.88 -12.83
C SER A 354 4.95 -7.59 -12.10
N LEU A 355 3.94 -6.78 -11.82
CA LEU A 355 4.19 -5.52 -11.12
C LEU A 355 4.60 -5.78 -9.66
N ARG A 356 3.97 -6.75 -9.02
CA ARG A 356 4.32 -7.08 -7.62
C ARG A 356 5.81 -7.43 -7.56
N TYR A 357 6.26 -8.28 -8.48
CA TYR A 357 7.67 -8.67 -8.50
C TYR A 357 8.61 -7.48 -8.74
N TYR A 358 8.31 -6.67 -9.76
CA TYR A 358 9.16 -5.52 -10.09
C TYR A 358 9.30 -4.53 -8.93
N TYR A 359 8.18 -4.13 -8.34
CA TYR A 359 8.22 -3.20 -7.20
C TYR A 359 9.02 -3.82 -6.04
N THR A 360 8.76 -5.09 -5.75
CA THR A 360 9.46 -5.77 -4.65
C THR A 360 10.98 -5.83 -4.86
N ALA A 361 11.40 -6.05 -6.10
CA ALA A 361 12.83 -6.13 -6.40
C ALA A 361 13.55 -4.78 -6.21
N LYS A 362 12.79 -3.70 -6.21
CA LYS A 362 13.34 -2.36 -6.06
C LYS A 362 13.14 -1.75 -4.68
N LEU A 363 12.21 -2.31 -3.90
CA LEU A 363 11.91 -1.79 -2.57
C LEU A 363 12.98 -2.03 -1.52
N SER A 364 13.07 -1.11 -0.56
CA SER A 364 14.03 -1.21 0.54
C SER A 364 13.38 -0.66 1.80
N SER A 365 14.15 -0.60 2.88
CA SER A 365 13.65 -0.09 4.16
C SER A 365 13.74 1.42 4.26
N ARG A 366 14.25 2.06 3.21
CA ARG A 366 14.38 3.53 3.19
C ARG A 366 13.20 4.18 2.49
N ILE A 367 13.14 5.51 2.52
CA ILE A 367 12.02 6.23 1.90
C ILE A 367 12.26 6.72 0.47
N ASP A 368 13.30 6.22 -0.18
CA ASP A 368 13.65 6.61 -1.55
C ASP A 368 12.54 6.29 -2.58
N ASP A 369 12.45 7.09 -3.63
CA ASP A 369 11.45 6.88 -4.69
C ASP A 369 11.73 5.58 -5.43
N ILE A 370 10.67 4.95 -5.93
CA ILE A 370 10.78 3.69 -6.67
C ILE A 370 10.49 4.00 -8.13
N ASP A 371 11.39 3.61 -9.03
CA ASP A 371 11.18 3.89 -10.44
C ASP A 371 10.76 2.68 -11.26
N LEU A 372 9.66 2.84 -11.99
CA LEU A 372 9.16 1.77 -12.86
C LEU A 372 9.65 2.12 -14.26
N ASN A 373 10.81 1.57 -14.63
CA ASN A 373 11.34 1.82 -15.96
C ASN A 373 10.71 0.73 -16.83
N LEU A 374 9.81 1.14 -17.72
CA LEU A 374 9.10 0.17 -18.57
C LEU A 374 9.99 -0.79 -19.38
N GLU A 375 11.09 -0.27 -19.94
CA GLU A 375 12.00 -1.11 -20.69
C GLU A 375 12.59 -2.18 -19.76
N ASP A 376 13.01 -1.73 -18.59
CA ASP A 376 13.60 -2.63 -17.60
C ASP A 376 12.60 -3.61 -17.04
N PHE A 377 11.33 -3.21 -16.98
CA PHE A 377 10.26 -4.06 -16.48
C PHE A 377 10.15 -5.32 -17.35
N VAL A 378 10.12 -5.13 -18.66
CA VAL A 378 10.03 -6.26 -19.58
C VAL A 378 11.23 -7.18 -19.45
N GLN A 379 12.42 -6.59 -19.41
CA GLN A 379 13.65 -7.35 -19.30
C GLN A 379 13.78 -8.13 -17.99
N ARG A 380 13.44 -7.47 -16.87
CA ARG A 380 13.54 -8.10 -15.56
C ARG A 380 12.55 -9.22 -15.35
N VAL A 381 11.30 -9.03 -15.79
CA VAL A 381 10.29 -10.06 -15.62
C VAL A 381 10.69 -11.31 -16.42
N ASN A 382 11.04 -11.13 -17.68
CA ASN A 382 11.44 -12.27 -18.51
C ASN A 382 12.68 -12.98 -18.02
N ALA A 383 13.68 -12.19 -17.60
CA ALA A 383 14.93 -12.76 -17.11
C ALA A 383 14.82 -13.49 -15.79
N ASP A 384 14.13 -12.88 -14.82
CA ASP A 384 14.01 -13.47 -13.49
C ASP A 384 12.88 -14.47 -13.29
N ILE A 385 11.66 -14.10 -13.64
CA ILE A 385 10.53 -15.01 -13.47
C ILE A 385 10.50 -16.15 -14.49
N VAL A 386 10.45 -15.81 -15.77
CA VAL A 386 10.40 -16.80 -16.83
C VAL A 386 11.67 -17.63 -17.01
N ASN A 387 12.83 -16.98 -17.05
CA ASN A 387 14.08 -17.71 -17.29
C ASN A 387 14.93 -18.21 -16.13
N LYS A 388 14.64 -17.77 -14.91
CA LYS A 388 15.43 -18.25 -13.77
C LYS A 388 14.61 -19.17 -12.89
N VAL A 389 13.44 -18.70 -12.47
CA VAL A 389 12.59 -19.49 -11.59
C VAL A 389 11.67 -20.49 -12.30
N VAL A 390 10.76 -20.00 -13.13
CA VAL A 390 9.84 -20.88 -13.83
C VAL A 390 10.58 -21.90 -14.71
N ASN A 391 11.71 -21.48 -15.27
CA ASN A 391 12.51 -22.36 -16.12
C ASN A 391 12.92 -23.63 -15.37
N LEU A 392 13.17 -23.49 -14.08
CA LEU A 392 13.57 -24.60 -13.24
C LEU A 392 12.51 -25.71 -13.22
N ALA A 393 11.25 -25.33 -13.32
CA ALA A 393 10.17 -26.32 -13.33
C ALA A 393 9.90 -26.82 -14.74
N SER A 394 9.68 -25.90 -15.68
CA SER A 394 9.36 -26.28 -17.05
C SER A 394 10.41 -27.15 -17.75
N ARG A 395 11.69 -26.92 -17.47
CA ARG A 395 12.73 -27.71 -18.13
C ARG A 395 12.87 -29.13 -17.57
N ASN A 396 12.27 -29.37 -16.40
CA ASN A 396 12.36 -30.69 -15.75
C ASN A 396 11.07 -31.49 -15.65
N ALA A 397 9.93 -30.81 -15.59
CA ALA A 397 8.64 -31.47 -15.44
C ALA A 397 8.26 -32.41 -16.60
N GLY A 398 8.64 -32.03 -17.82
CA GLY A 398 8.31 -32.85 -18.98
C GLY A 398 8.82 -34.27 -18.85
N PHE A 399 10.10 -34.41 -18.52
CA PHE A 399 10.72 -35.72 -18.38
C PHE A 399 10.08 -36.55 -17.26
N ILE A 400 9.77 -35.91 -16.15
CA ILE A 400 9.17 -36.62 -15.03
C ILE A 400 7.78 -37.14 -15.39
N ASN A 401 6.98 -36.29 -16.02
CA ASN A 401 5.63 -36.71 -16.39
C ASN A 401 5.59 -37.74 -17.52
N LYS A 402 6.47 -37.60 -18.51
CA LYS A 402 6.49 -38.53 -19.64
C LYS A 402 7.30 -39.81 -19.46
N ARG A 403 8.42 -39.72 -18.75
CA ARG A 403 9.28 -40.89 -18.56
C ARG A 403 9.07 -41.62 -17.24
N PHE A 404 8.57 -40.92 -16.22
CA PHE A 404 8.39 -41.55 -14.92
C PHE A 404 7.01 -41.42 -14.28
N ASP A 405 5.98 -41.27 -15.11
CA ASP A 405 4.61 -41.19 -14.65
C ASP A 405 4.36 -40.14 -13.57
N GLY A 406 5.08 -39.03 -13.65
CA GLY A 406 4.91 -37.95 -12.69
C GLY A 406 5.47 -38.21 -11.30
N VAL A 407 6.27 -39.27 -11.14
CA VAL A 407 6.83 -39.59 -9.83
C VAL A 407 8.26 -39.10 -9.65
N LEU A 408 8.48 -38.31 -8.60
CA LEU A 408 9.81 -37.77 -8.28
C LEU A 408 10.68 -38.84 -7.61
N ALA A 409 12.00 -38.67 -7.74
CA ALA A 409 12.97 -39.60 -7.17
C ALA A 409 12.80 -39.83 -5.67
N SER A 410 13.24 -40.99 -5.19
CA SER A 410 13.13 -41.34 -3.78
C SER A 410 14.18 -40.67 -2.88
N GLU A 411 15.21 -40.10 -3.49
CA GLU A 411 16.27 -39.40 -2.74
C GLU A 411 16.76 -38.16 -3.48
N LEU A 412 17.34 -37.22 -2.75
CA LEU A 412 17.90 -36.01 -3.35
C LEU A 412 19.20 -36.38 -4.06
N ALA A 413 19.38 -35.91 -5.30
CA ALA A 413 20.60 -36.22 -6.04
C ALA A 413 21.80 -35.49 -5.44
N ASP A 414 21.59 -34.26 -4.95
CA ASP A 414 22.67 -33.45 -4.36
C ASP A 414 22.23 -32.80 -3.03
N PRO A 415 22.29 -33.58 -1.93
CA PRO A 415 21.93 -33.14 -0.58
C PRO A 415 22.63 -31.85 -0.11
N GLN A 416 23.91 -31.71 -0.43
CA GLN A 416 24.67 -30.52 -0.04
C GLN A 416 24.08 -29.27 -0.65
N LEU A 417 23.81 -29.33 -1.95
CA LEU A 417 23.25 -28.20 -2.66
C LEU A 417 21.89 -27.83 -2.08
N TYR A 418 21.07 -28.84 -1.78
CA TYR A 418 19.75 -28.59 -1.20
C TYR A 418 19.89 -27.89 0.14
N LYS A 419 20.87 -28.30 0.95
CA LYS A 419 21.08 -27.68 2.25
C LYS A 419 21.49 -26.22 2.09
N THR A 420 22.24 -25.91 1.03
CA THR A 420 22.65 -24.53 0.78
C THR A 420 21.40 -23.68 0.60
N PHE A 421 20.40 -24.25 -0.06
CA PHE A 421 19.14 -23.54 -0.29
C PHE A 421 18.34 -23.36 1.00
N THR A 422 18.17 -24.43 1.77
CA THR A 422 17.40 -24.32 3.01
C THR A 422 18.14 -23.45 4.05
N ASP A 423 19.46 -23.47 4.00
CA ASP A 423 20.28 -22.67 4.92
C ASP A 423 20.04 -21.17 4.75
N ALA A 424 19.58 -20.76 3.57
CA ALA A 424 19.34 -19.35 3.29
C ALA A 424 18.03 -18.79 3.84
N ALA A 425 17.17 -19.68 4.33
CA ALA A 425 15.87 -19.26 4.86
C ALA A 425 15.97 -18.18 5.93
N GLU A 426 16.89 -18.33 6.86
CA GLU A 426 17.04 -17.34 7.93
C GLU A 426 17.30 -15.92 7.43
N VAL A 427 18.29 -15.78 6.55
CA VAL A 427 18.63 -14.46 6.01
C VAL A 427 17.54 -13.89 5.11
N ILE A 428 16.93 -14.72 4.28
CA ILE A 428 15.88 -14.23 3.39
C ILE A 428 14.67 -13.81 4.21
N GLY A 429 14.29 -14.63 5.20
CA GLY A 429 13.17 -14.28 6.04
C GLY A 429 13.44 -12.98 6.80
N GLU A 430 14.67 -12.79 7.26
CA GLU A 430 14.98 -11.55 7.98
C GLU A 430 14.88 -10.37 7.02
N ALA A 431 15.16 -10.61 5.75
CA ALA A 431 15.08 -9.56 4.74
C ALA A 431 13.61 -9.18 4.55
N TRP A 432 12.72 -10.17 4.47
CA TRP A 432 11.30 -9.86 4.32
C TRP A 432 10.85 -9.12 5.59
N GLU A 433 11.25 -9.64 6.74
CA GLU A 433 10.87 -9.04 8.02
C GLU A 433 11.27 -7.57 8.17
N SER A 434 12.53 -7.27 7.83
CA SER A 434 13.05 -5.91 7.95
C SER A 434 12.65 -5.00 6.78
N ARG A 435 11.85 -5.53 5.85
CA ARG A 435 11.41 -4.75 4.69
C ARG A 435 12.50 -4.48 3.65
N GLU A 436 13.61 -5.22 3.74
CA GLU A 436 14.68 -5.06 2.75
C GLU A 436 14.33 -6.03 1.63
N PHE A 437 13.26 -5.71 0.92
CA PHE A 437 12.76 -6.54 -0.17
C PHE A 437 13.77 -6.74 -1.29
N GLY A 438 14.50 -5.68 -1.63
CA GLY A 438 15.50 -5.78 -2.68
C GLY A 438 16.57 -6.80 -2.36
N LYS A 439 16.97 -6.85 -1.10
CA LYS A 439 18.00 -7.79 -0.66
C LYS A 439 17.43 -9.21 -0.73
N ALA A 440 16.17 -9.38 -0.32
CA ALA A 440 15.53 -10.68 -0.35
C ALA A 440 15.52 -11.23 -1.78
N VAL A 441 15.08 -10.41 -2.73
CA VAL A 441 15.05 -10.82 -4.13
C VAL A 441 16.44 -11.15 -4.68
N ARG A 442 17.44 -10.33 -4.36
CA ARG A 442 18.80 -10.61 -4.83
C ARG A 442 19.30 -11.97 -4.33
N GLU A 443 19.07 -12.24 -3.05
CA GLU A 443 19.47 -13.51 -2.43
C GLU A 443 18.73 -14.66 -3.11
N ILE A 444 17.44 -14.48 -3.36
CA ILE A 444 16.63 -15.52 -4.00
C ILE A 444 17.09 -15.79 -5.44
N MET A 445 17.36 -14.74 -6.20
CA MET A 445 17.79 -14.92 -7.57
C MET A 445 19.20 -15.50 -7.66
N ALA A 446 20.04 -15.22 -6.65
CA ALA A 446 21.39 -15.77 -6.64
C ALA A 446 21.25 -17.29 -6.47
N LEU A 447 20.29 -17.71 -5.66
CA LEU A 447 20.06 -19.13 -5.47
C LEU A 447 19.55 -19.72 -6.79
N ALA A 448 18.69 -18.97 -7.47
CA ALA A 448 18.15 -19.43 -8.75
C ALA A 448 19.28 -19.62 -9.78
N ASP A 449 20.30 -18.77 -9.73
CA ASP A 449 21.43 -18.90 -10.67
C ASP A 449 22.15 -20.20 -10.36
N LEU A 450 22.27 -20.50 -9.06
CA LEU A 450 22.92 -21.70 -8.57
C LEU A 450 22.17 -22.94 -9.06
N ALA A 451 20.84 -22.86 -9.01
CA ALA A 451 19.98 -23.96 -9.44
C ALA A 451 20.11 -24.21 -10.94
N ASN A 452 20.14 -23.15 -11.73
CA ASN A 452 20.25 -23.34 -13.17
C ASN A 452 21.64 -23.80 -13.57
N ARG A 453 22.64 -23.42 -12.78
CA ARG A 453 24.01 -23.85 -13.03
C ARG A 453 24.05 -25.37 -12.81
N TYR A 454 23.42 -25.82 -11.72
CA TYR A 454 23.37 -27.25 -11.42
C TYR A 454 22.76 -28.01 -12.60
N VAL A 455 21.63 -27.53 -13.10
CA VAL A 455 20.95 -28.19 -14.21
C VAL A 455 21.82 -28.22 -15.46
N ASP A 456 22.53 -27.13 -15.73
CA ASP A 456 23.41 -27.07 -16.89
C ASP A 456 24.55 -28.07 -16.75
N GLU A 457 25.10 -28.18 -15.54
CA GLU A 457 26.19 -29.11 -15.26
C GLU A 457 25.74 -30.55 -15.50
N GLN A 458 24.49 -30.85 -15.13
CA GLN A 458 23.98 -32.20 -15.30
C GLN A 458 23.50 -32.48 -16.72
N ALA A 459 23.14 -31.42 -17.43
CA ALA A 459 22.68 -31.50 -18.82
C ALA A 459 21.68 -32.63 -19.07
N PRO A 460 20.48 -32.54 -18.48
CA PRO A 460 19.45 -33.55 -18.64
C PRO A 460 19.03 -33.82 -20.09
N TRP A 461 19.24 -32.85 -20.97
CA TRP A 461 18.88 -33.03 -22.38
C TRP A 461 19.86 -34.01 -23.04
N VAL A 462 21.03 -34.16 -22.42
CA VAL A 462 22.04 -35.10 -22.92
C VAL A 462 21.76 -36.46 -22.31
N VAL A 463 21.56 -36.48 -20.99
CA VAL A 463 21.27 -37.72 -20.28
C VAL A 463 19.99 -38.40 -20.80
N ALA A 464 19.04 -37.59 -21.25
CA ALA A 464 17.77 -38.11 -21.75
C ALA A 464 17.93 -38.98 -22.99
N LYS A 465 18.96 -38.70 -23.78
CA LYS A 465 19.20 -39.45 -25.02
C LYS A 465 20.27 -40.54 -24.90
N GLN A 466 20.68 -40.87 -23.68
CA GLN A 466 21.70 -41.89 -23.48
C GLN A 466 21.14 -43.14 -22.79
N GLU A 467 21.27 -44.28 -23.47
CA GLU A 467 20.75 -45.56 -22.98
C GLU A 467 21.13 -45.96 -21.57
N GLY A 468 20.15 -46.49 -20.84
CA GLY A 468 20.37 -46.96 -19.47
C GLY A 468 20.53 -45.92 -18.38
N ARG A 469 20.34 -44.64 -18.70
CA ARG A 469 20.49 -43.59 -17.69
C ARG A 469 19.15 -43.04 -17.19
N ASP A 470 18.10 -43.85 -17.23
CA ASP A 470 16.78 -43.42 -16.78
C ASP A 470 16.78 -42.95 -15.33
N ALA A 471 17.38 -43.77 -14.46
CA ALA A 471 17.45 -43.46 -13.03
C ALA A 471 18.16 -42.12 -12.81
N ASP A 472 19.23 -41.91 -13.57
CA ASP A 472 19.99 -40.67 -13.48
C ASP A 472 19.14 -39.49 -13.91
N LEU A 473 18.41 -39.63 -15.00
CA LEU A 473 17.55 -38.56 -15.50
C LEU A 473 16.50 -38.18 -14.46
N GLN A 474 15.82 -39.17 -13.89
CA GLN A 474 14.79 -38.90 -12.89
C GLN A 474 15.39 -38.19 -11.68
N ALA A 475 16.58 -38.60 -11.27
CA ALA A 475 17.24 -37.98 -10.12
C ALA A 475 17.54 -36.51 -10.39
N ILE A 476 18.10 -36.23 -11.57
CA ILE A 476 18.45 -34.88 -11.98
C ILE A 476 17.23 -33.94 -12.03
N CYS A 477 16.20 -34.37 -12.76
CA CYS A 477 15.00 -33.58 -12.91
C CYS A 477 14.24 -33.39 -11.62
N SER A 478 14.31 -34.37 -10.73
CA SER A 478 13.63 -34.26 -9.43
C SER A 478 14.35 -33.24 -8.58
N MET A 479 15.69 -33.24 -8.68
CA MET A 479 16.50 -32.30 -7.92
C MET A 479 16.16 -30.87 -8.30
N GLY A 480 16.06 -30.61 -9.60
CA GLY A 480 15.72 -29.28 -10.07
C GLY A 480 14.34 -28.83 -9.60
N ILE A 481 13.39 -29.76 -9.60
CA ILE A 481 12.04 -29.45 -9.15
C ILE A 481 11.99 -29.12 -7.65
N ASN A 482 12.80 -29.81 -6.85
CA ASN A 482 12.84 -29.52 -5.40
C ASN A 482 13.49 -28.15 -5.15
N LEU A 483 14.46 -27.77 -5.97
CA LEU A 483 15.08 -26.45 -5.79
C LEU A 483 14.01 -25.41 -6.14
N PHE A 484 13.16 -25.75 -7.11
CA PHE A 484 12.07 -24.88 -7.52
C PHE A 484 11.09 -24.73 -6.34
N ARG A 485 10.81 -25.85 -5.67
CA ARG A 485 9.90 -25.86 -4.51
C ARG A 485 10.38 -24.83 -3.48
N VAL A 486 11.67 -24.87 -3.17
CA VAL A 486 12.24 -23.95 -2.20
C VAL A 486 12.12 -22.50 -2.67
N LEU A 487 12.54 -22.22 -3.90
CA LEU A 487 12.46 -20.86 -4.45
C LEU A 487 11.07 -20.26 -4.44
N MET A 488 10.05 -21.05 -4.80
CA MET A 488 8.69 -20.55 -4.82
C MET A 488 8.18 -20.28 -3.42
N THR A 489 8.78 -20.95 -2.44
CA THR A 489 8.38 -20.76 -1.04
C THR A 489 8.87 -19.40 -0.58
N TYR A 490 10.10 -19.04 -0.97
CA TYR A 490 10.67 -17.76 -0.60
C TYR A 490 9.97 -16.62 -1.32
N LEU A 491 9.44 -16.91 -2.51
CA LEU A 491 8.74 -15.91 -3.32
C LEU A 491 7.23 -15.90 -3.12
N LYS A 492 6.72 -16.84 -2.32
CA LYS A 492 5.27 -16.94 -2.08
C LYS A 492 4.62 -15.61 -1.67
N PRO A 493 5.26 -14.86 -0.76
CA PRO A 493 4.64 -13.58 -0.36
C PRO A 493 4.56 -12.59 -1.52
N VAL A 494 5.39 -12.81 -2.54
CA VAL A 494 5.47 -11.90 -3.70
C VAL A 494 4.55 -12.19 -4.88
N LEU A 495 4.49 -13.46 -5.29
CA LEU A 495 3.72 -13.89 -6.44
C LEU A 495 2.59 -14.86 -6.07
N PRO A 496 1.47 -14.32 -5.53
CA PRO A 496 0.33 -15.14 -5.11
C PRO A 496 -0.22 -16.09 -6.18
N LYS A 497 -0.43 -15.58 -7.39
CA LYS A 497 -0.99 -16.39 -8.46
C LYS A 497 -0.04 -17.46 -8.98
N LEU A 498 1.19 -17.08 -9.27
CA LEU A 498 2.16 -18.07 -9.73
C LEU A 498 2.31 -19.13 -8.64
N THR A 499 2.21 -18.72 -7.38
CA THR A 499 2.34 -19.67 -6.28
C THR A 499 1.22 -20.72 -6.31
N GLU A 500 0.00 -20.28 -6.61
CA GLU A 500 -1.12 -21.21 -6.66
C GLU A 500 -0.89 -22.21 -7.79
N ARG A 501 -0.43 -21.72 -8.94
CA ARG A 501 -0.17 -22.59 -10.08
C ARG A 501 0.96 -23.57 -9.74
N ALA A 502 1.94 -23.11 -8.96
CA ALA A 502 3.05 -23.96 -8.57
C ALA A 502 2.59 -25.03 -7.56
N GLU A 503 1.72 -24.66 -6.62
CA GLU A 503 1.24 -25.61 -5.64
C GLU A 503 0.34 -26.68 -6.29
N ALA A 504 -0.35 -26.30 -7.37
CA ALA A 504 -1.21 -27.23 -8.09
C ALA A 504 -0.33 -28.26 -8.81
N PHE A 505 0.78 -27.79 -9.37
CA PHE A 505 1.72 -28.65 -10.08
C PHE A 505 2.45 -29.58 -9.12
N LEU A 506 2.87 -29.03 -7.98
CA LEU A 506 3.60 -29.79 -6.98
C LEU A 506 2.72 -30.68 -6.12
N ASN A 507 1.41 -30.45 -6.15
CA ASN A 507 0.47 -31.21 -5.34
C ASN A 507 0.74 -30.99 -3.86
N THR A 508 1.06 -29.75 -3.50
CA THR A 508 1.34 -29.44 -2.12
C THR A 508 1.27 -27.94 -1.84
N GLU A 509 0.84 -27.60 -0.63
CA GLU A 509 0.79 -26.21 -0.21
C GLU A 509 2.23 -25.89 0.20
N LEU A 510 2.70 -24.69 -0.10
CA LEU A 510 4.06 -24.32 0.28
C LEU A 510 4.06 -23.58 1.62
N THR A 511 4.75 -24.14 2.60
CA THR A 511 4.84 -23.51 3.93
C THR A 511 6.30 -23.19 4.18
N TRP A 512 6.56 -22.22 5.03
CA TRP A 512 7.93 -21.83 5.32
C TRP A 512 8.79 -22.97 5.88
N ASP A 513 8.25 -23.73 6.83
CA ASP A 513 9.00 -24.83 7.42
C ASP A 513 9.07 -26.09 6.55
N GLY A 514 8.09 -26.24 5.66
CA GLY A 514 8.04 -27.41 4.80
C GLY A 514 9.27 -27.68 3.95
N ILE A 515 10.04 -26.65 3.61
CA ILE A 515 11.21 -26.86 2.78
C ILE A 515 12.22 -27.83 3.41
N GLN A 516 12.15 -28.00 4.72
CA GLN A 516 13.06 -28.91 5.43
C GLN A 516 12.82 -30.38 5.05
N GLN A 517 11.69 -30.65 4.42
CA GLN A 517 11.37 -32.01 3.98
C GLN A 517 11.16 -31.99 2.46
N PRO A 518 12.19 -32.35 1.69
CA PRO A 518 12.01 -32.34 0.23
C PRO A 518 10.94 -33.33 -0.23
N LEU A 519 10.44 -33.13 -1.45
CA LEU A 519 9.42 -34.01 -2.02
C LEU A 519 10.14 -35.23 -2.59
N LEU A 520 9.90 -36.40 -1.99
CA LEU A 520 10.53 -37.66 -2.42
C LEU A 520 9.45 -38.70 -2.66
N GLY A 521 9.63 -39.53 -3.69
CA GLY A 521 8.64 -40.55 -4.02
C GLY A 521 7.28 -39.88 -4.04
N HIS A 522 7.26 -38.71 -4.64
CA HIS A 522 6.08 -37.84 -4.69
C HIS A 522 5.55 -37.56 -6.11
N LYS A 523 4.24 -37.68 -6.27
CA LYS A 523 3.57 -37.47 -7.55
C LYS A 523 3.27 -36.00 -7.85
N VAL A 524 3.72 -35.52 -9.00
CA VAL A 524 3.44 -34.14 -9.40
C VAL A 524 2.48 -34.21 -10.57
N ASN A 525 1.79 -33.11 -10.86
CA ASN A 525 0.83 -33.07 -11.96
C ASN A 525 1.38 -32.40 -13.21
N PRO A 526 0.78 -32.71 -14.38
CA PRO A 526 1.30 -32.07 -15.60
C PRO A 526 0.83 -30.62 -15.50
N PHE A 527 1.51 -29.71 -16.19
CA PHE A 527 1.05 -28.34 -16.12
C PHE A 527 1.20 -27.56 -17.38
N LYS A 528 0.24 -26.68 -17.60
CA LYS A 528 0.30 -25.82 -18.75
C LYS A 528 1.28 -24.72 -18.31
N ALA A 529 1.63 -23.84 -19.23
CA ALA A 529 2.55 -22.76 -18.93
C ALA A 529 2.27 -22.10 -17.59
N LEU A 530 3.31 -21.98 -16.77
CA LEU A 530 3.19 -21.36 -15.46
C LEU A 530 3.32 -19.85 -15.59
N TYR A 531 4.10 -19.40 -16.58
CA TYR A 531 4.31 -17.97 -16.79
C TYR A 531 4.91 -17.72 -18.18
N ASN A 532 4.29 -16.82 -18.94
CA ASN A 532 4.75 -16.51 -20.29
C ASN A 532 5.53 -15.20 -20.36
N ARG A 533 6.32 -15.04 -21.42
CA ARG A 533 7.11 -13.83 -21.62
C ARG A 533 6.27 -12.64 -22.03
N ILE A 534 6.76 -11.44 -21.74
CA ILE A 534 6.09 -10.19 -22.12
C ILE A 534 7.03 -9.46 -23.08
N ASP A 535 6.52 -8.45 -23.78
CA ASP A 535 7.35 -7.71 -24.72
C ASP A 535 7.00 -6.23 -24.77
N MET A 536 7.91 -5.45 -25.35
CA MET A 536 7.73 -4.02 -25.45
C MET A 536 6.47 -3.59 -26.21
N ARG A 537 5.96 -4.45 -27.09
CA ARG A 537 4.75 -4.09 -27.82
C ARG A 537 3.61 -3.91 -26.83
N GLN A 538 3.59 -4.75 -25.80
CA GLN A 538 2.53 -4.67 -24.79
C GLN A 538 2.70 -3.40 -23.96
N VAL A 539 3.94 -3.00 -23.72
CA VAL A 539 4.21 -1.78 -22.98
C VAL A 539 3.72 -0.56 -23.77
N GLU A 540 3.98 -0.57 -25.07
CA GLU A 540 3.57 0.53 -25.94
C GLU A 540 2.04 0.67 -25.94
N ALA A 541 1.34 -0.46 -25.96
CA ALA A 541 -0.11 -0.46 -25.97
C ALA A 541 -0.63 0.13 -24.65
N LEU A 542 0.04 -0.21 -23.56
CA LEU A 542 -0.35 0.29 -22.24
C LEU A 542 -0.23 1.80 -22.20
N VAL A 543 0.86 2.31 -22.73
CA VAL A 543 1.12 3.75 -22.76
C VAL A 543 0.11 4.47 -23.64
N GLU A 544 -0.20 3.87 -24.80
CA GLU A 544 -1.18 4.48 -25.71
C GLU A 544 -2.56 4.51 -25.10
N ALA A 545 -2.96 3.41 -24.46
CA ALA A 545 -4.27 3.33 -23.82
C ALA A 545 -4.37 4.39 -22.73
N SER A 546 -3.29 4.56 -21.98
CA SER A 546 -3.28 5.54 -20.89
C SER A 546 -3.33 6.97 -21.41
N LYS A 547 -2.73 7.21 -22.58
CA LYS A 547 -2.75 8.54 -23.17
C LYS A 547 -4.19 8.90 -23.52
N GLU A 548 -4.85 7.99 -24.22
CA GLU A 548 -6.22 8.16 -24.69
C GLU A 548 -7.28 8.26 -23.59
N GLU A 549 -6.98 7.70 -22.42
CA GLU A 549 -7.93 7.72 -21.30
C GLU A 549 -8.04 9.09 -20.63
N VAL A 550 -7.09 9.96 -20.91
CA VAL A 550 -7.09 11.31 -20.33
C VAL A 550 -6.86 12.36 -21.40
#